data_2ZFP
#
_entry.id   2ZFP
#
_cell.length_a   70.500
_cell.length_b   71.300
_cell.length_c   72.900
_cell.angle_alpha   90.00
_cell.angle_beta   100.60
_cell.angle_gamma   90.00
#
_symmetry.space_group_name_H-M   'C 1 2 1'
#
loop_
_entity.id
_entity.type
_entity.pdbx_description
1 polymer 'Thrombin light chain'
2 polymer 'Thrombin heavy chain'
3 polymer 'Hirudin variant-1'
4 non-polymer 'SODIUM ION'
5 non-polymer 1-[(2R)-2-aminobutanoyl]-N-(3-chlorobenzyl)-L-prolinamide
6 water water
#
loop_
_entity_poly.entity_id
_entity_poly.type
_entity_poly.pdbx_seq_one_letter_code
_entity_poly.pdbx_strand_id
1 'polypeptide(L)' TFGSGEADCGLRPLFEKKSLEDKTERELLESYIDGR L
2 'polypeptide(L)'
;IVEGSDAEIGMSPWQVMLFRKSPQELLCGASLISDRWVLTAAHCLLYPPWDKNFTENDLLVRIGKHSRTRYERNIEKISM
LEKIYIHPRYNWRENLDRDIALMKLKKPVAFSDYIHPVCLPDRETAASLLQAGYKGRVTGWGNLKETWTANVGKGQPSVL
QVVNLPIVERPVCKDSTRIRITDNMFCAGYKPDEGKRGDACEGDSGGPFVMKSPFNNRWYQMGIVSWGEGCDRDGKYGFY
THVFRLKKWIQKVIDQFGE
;
H
3 'polypeptide(L)' GDFEEIPEE(TYS)L I
#
loop_
_chem_comp.id
_chem_comp.type
_chem_comp.name
_chem_comp.formula
19U peptide-like 1-[(2R)-2-aminobutanoyl]-N-(3-chlorobenzyl)-L-prolinamide 'C16 H22 Cl N3 O2'
NA non-polymer 'SODIUM ION' 'Na 1'
#
# COMPACT_ATOMS: atom_id res chain seq x y z
N GLU A 6 -1.04 -15.88 0.01
CA GLU A 6 -1.04 -17.34 0.01
C GLU A 6 0.15 -17.90 -0.77
N ALA A 7 -0.03 -18.91 -1.61
CA ALA A 7 1.10 -19.52 -2.31
C ALA A 7 1.08 -19.24 -3.81
N ASP A 8 -0.08 -18.79 -4.29
CA ASP A 8 -0.16 -18.28 -5.64
C ASP A 8 0.12 -16.78 -5.61
N CYS A 9 0.60 -16.34 -4.45
CA CYS A 9 0.78 -14.92 -4.16
C CYS A 9 1.66 -14.25 -5.19
N GLY A 10 1.46 -12.96 -5.42
CA GLY A 10 2.37 -12.16 -6.22
C GLY A 10 2.26 -12.43 -7.70
N LEU A 11 1.37 -13.34 -8.10
CA LEU A 11 1.27 -13.62 -9.53
C LEU A 11 -0.05 -13.09 -10.04
N ARG A 12 -0.03 -12.05 -10.88
CA ARG A 12 -1.33 -11.50 -11.30
C ARG A 12 -1.95 -12.28 -12.45
N PRO A 13 -3.24 -12.58 -12.31
CA PRO A 13 -4.00 -13.26 -13.35
C PRO A 13 -3.81 -12.71 -14.75
N LEU A 14 -3.87 -11.40 -14.91
CA LEU A 14 -3.93 -10.73 -16.21
C LEU A 14 -2.55 -10.34 -16.70
N PHE A 15 -1.51 -10.71 -15.94
CA PHE A 15 -0.14 -10.46 -16.39
C PHE A 15 0.68 -11.72 -16.19
N GLU A 16 1.25 -11.97 -15.01
CA GLU A 16 2.12 -13.14 -14.84
C GLU A 16 1.46 -14.46 -15.24
N LYS A 17 0.23 -14.72 -14.82
CA LYS A 17 -0.39 -16.01 -15.16
C LYS A 17 -0.54 -16.17 -16.68
N LYS A 18 -0.60 -15.07 -17.43
CA LYS A 18 -0.73 -15.13 -18.87
C LYS A 18 0.60 -14.78 -19.55
N SER A 19 1.63 -14.56 -18.76
CA SER A 19 2.93 -14.17 -19.25
C SER A 19 2.90 -12.87 -20.06
N LEU A 20 2.07 -11.94 -19.64
CA LEU A 20 2.05 -10.59 -20.18
C LEU A 20 2.80 -9.65 -19.24
N GLU A 21 3.45 -8.62 -19.75
CA GLU A 21 4.06 -7.63 -18.85
C GLU A 21 3.20 -6.38 -18.75
N ASP A 22 3.17 -5.69 -17.61
CA ASP A 22 2.55 -4.35 -17.61
C ASP A 22 3.55 -3.35 -18.20
N LYS A 23 3.13 -2.12 -18.43
CA LYS A 23 4.03 -1.24 -19.20
C LYS A 23 5.25 -0.77 -18.44
N THR A 24 5.42 -0.94 -17.12
CA THR A 24 6.63 -0.32 -16.59
C THR A 24 7.38 -1.25 -15.66
N GLU A 25 6.97 -2.51 -15.61
CA GLU A 25 7.71 -3.39 -14.70
C GLU A 25 9.15 -3.51 -15.15
N ARG A 26 9.43 -3.30 -16.44
CA ARG A 26 10.85 -3.40 -16.80
C ARG A 26 11.65 -2.26 -16.20
N GLU A 27 10.98 -1.15 -15.82
CA GLU A 27 11.77 -0.09 -15.19
C GLU A 27 12.29 -0.62 -13.86
N LEU A 28 11.48 -1.44 -13.21
CA LEU A 28 11.89 -2.05 -11.95
C LEU A 28 13.08 -2.98 -12.16
N LEU A 29 12.89 -3.95 -13.04
CA LEU A 29 13.94 -4.89 -13.41
C LEU A 29 15.27 -4.21 -13.69
N GLU A 30 15.23 -3.18 -14.53
CA GLU A 30 16.50 -2.61 -14.98
C GLU A 30 17.21 -1.90 -13.84
N SER A 31 16.47 -1.55 -12.80
CA SER A 31 17.07 -0.94 -11.61
C SER A 31 17.65 -1.98 -10.68
N TYR A 32 17.25 -3.24 -10.85
CA TYR A 32 17.76 -4.23 -9.90
C TYR A 32 19.16 -4.61 -10.36
N ILE A 33 20.08 -3.68 -10.20
CA ILE A 33 21.43 -3.71 -10.74
C ILE A 33 22.45 -4.19 -9.72
N ILE B 1 -1.35 9.79 -5.21
CA ILE B 1 -0.07 9.68 -5.91
C ILE B 1 0.20 10.95 -6.73
N VAL B 2 1.43 11.43 -6.70
CA VAL B 2 1.84 12.62 -7.43
C VAL B 2 2.80 12.29 -8.57
N GLU B 3 2.43 12.74 -9.77
CA GLU B 3 3.20 12.52 -10.98
C GLU B 3 3.29 11.03 -11.31
N GLY B 4 2.20 10.34 -10.94
CA GLY B 4 2.01 8.94 -11.23
C GLY B 4 1.26 8.81 -12.55
N SER B 5 0.84 7.60 -12.87
CA SER B 5 0.06 7.33 -14.07
C SER B 5 -1.11 6.41 -13.76
N ASP B 6 -2.09 6.38 -14.62
CA ASP B 6 -3.24 5.49 -14.57
C ASP B 6 -2.77 4.04 -14.56
N ALA B 7 -3.24 3.25 -13.61
CA ALA B 7 -2.98 1.81 -13.52
C ALA B 7 -3.60 1.06 -14.68
N GLU B 8 -2.93 0.04 -15.21
CA GLU B 8 -3.55 -0.87 -16.17
C GLU B 8 -4.58 -1.74 -15.46
N ILE B 9 -5.63 -2.16 -16.15
CA ILE B 9 -6.57 -3.08 -15.50
C ILE B 9 -5.81 -4.32 -15.05
N GLY B 10 -6.04 -4.77 -13.83
CA GLY B 10 -5.44 -5.97 -13.28
C GLY B 10 -4.00 -5.84 -12.84
N MET B 11 -3.42 -4.65 -12.95
CA MET B 11 -2.03 -4.38 -12.63
C MET B 11 -1.67 -4.52 -11.15
N SER B 12 -2.60 -4.18 -10.26
CA SER B 12 -2.43 -4.24 -8.81
C SER B 12 -3.56 -4.98 -8.13
N PRO B 13 -3.66 -6.28 -8.31
CA PRO B 13 -4.84 -7.02 -7.84
C PRO B 13 -4.89 -7.18 -6.33
N TRP B 14 -3.85 -6.71 -5.63
CA TRP B 14 -3.90 -6.78 -4.17
C TRP B 14 -4.39 -5.48 -3.57
N GLN B 15 -4.57 -4.46 -4.42
CA GLN B 15 -4.88 -3.14 -3.92
C GLN B 15 -6.24 -3.13 -3.25
N VAL B 16 -6.28 -2.63 -2.03
CA VAL B 16 -7.55 -2.53 -1.28
C VAL B 16 -7.86 -1.07 -0.97
N MET B 17 -9.14 -0.76 -0.91
CA MET B 17 -9.59 0.57 -0.53
C MET B 17 -10.27 0.53 0.84
N LEU B 18 -9.69 1.23 1.80
CA LEU B 18 -10.32 1.37 3.10
C LEU B 18 -11.50 2.32 2.93
N PHE B 19 -12.73 1.84 3.15
CA PHE B 19 -13.84 2.74 2.83
C PHE B 19 -14.67 3.09 4.06
N ARG B 20 -14.98 4.37 4.16
CA ARG B 20 -15.82 4.92 5.22
C ARG B 20 -17.30 4.83 4.87
N LYS B 21 -18.06 4.15 5.71
CA LYS B 21 -19.50 3.96 5.55
C LYS B 21 -20.23 5.30 5.51
N SER B 22 -20.25 5.98 6.65
CA SER B 22 -20.99 7.23 6.79
C SER B 22 -20.16 8.32 7.44
N PRO B 23 -19.81 9.37 6.71
CA PRO B 23 -20.18 9.51 5.30
C PRO B 23 -19.29 8.68 4.36
N GLN B 24 -19.92 8.02 3.39
CA GLN B 24 -19.25 7.21 2.39
C GLN B 24 -18.03 7.95 1.83
N GLU B 25 -16.84 7.35 1.97
CA GLU B 25 -15.68 8.07 1.44
C GLU B 25 -14.41 7.22 1.54
N LEU B 26 -13.40 7.61 0.76
CA LEU B 26 -12.12 6.89 0.79
C LEU B 26 -11.42 7.18 2.10
N LEU B 27 -10.97 6.14 2.80
CA LEU B 27 -10.27 6.39 4.06
C LEU B 27 -8.76 6.27 3.91
N CYS B 28 -8.28 5.53 2.93
CA CYS B 28 -6.92 5.04 2.93
C CYS B 28 -6.74 3.85 1.99
N GLY B 29 -5.50 3.59 1.61
CA GLY B 29 -5.20 2.39 0.82
C GLY B 29 -4.95 1.23 1.76
N ALA B 30 -4.81 0.03 1.22
CA ALA B 30 -4.54 -1.17 2.02
C ALA B 30 -4.17 -2.29 1.05
N SER B 31 -3.83 -3.48 1.56
CA SER B 31 -3.50 -4.55 0.61
C SER B 31 -4.04 -5.89 1.12
N LEU B 32 -4.21 -6.78 0.15
CA LEU B 32 -4.73 -8.12 0.32
C LEU B 32 -3.56 -9.10 0.39
N ILE B 33 -3.37 -9.77 1.52
CA ILE B 33 -2.21 -10.63 1.68
C ILE B 33 -2.62 -12.10 1.81
N SER B 34 -3.92 -12.34 1.78
CA SER B 34 -4.51 -13.67 1.76
C SER B 34 -6.00 -13.49 1.54
N ASP B 35 -6.77 -14.56 1.45
CA ASP B 35 -8.19 -14.34 1.13
C ASP B 35 -8.96 -13.81 2.33
N ARG B 36 -8.39 -13.84 3.53
CA ARG B 36 -9.11 -13.17 4.63
C ARG B 36 -8.33 -12.03 5.26
N TRP B 37 -7.07 -11.77 4.92
CA TRP B 37 -6.37 -10.70 5.65
C TRP B 37 -5.92 -9.56 4.75
N VAL B 38 -6.10 -8.36 5.27
CA VAL B 38 -5.75 -7.09 4.64
C VAL B 38 -4.75 -6.33 5.51
N LEU B 39 -3.69 -5.83 4.90
CA LEU B 39 -2.61 -5.13 5.58
C LEU B 39 -2.75 -3.62 5.33
N THR B 40 -2.54 -2.81 6.37
CA THR B 40 -2.62 -1.36 6.11
C THR B 40 -1.76 -0.62 7.12
N ALA B 41 -1.76 0.72 7.06
CA ALA B 41 -1.01 1.52 8.02
C ALA B 41 -1.86 1.82 9.25
N ALA B 42 -1.20 1.80 10.40
CA ALA B 42 -1.81 1.98 11.70
C ALA B 42 -2.55 3.31 11.77
N HIS B 43 -1.90 4.36 11.27
CA HIS B 43 -2.50 5.68 11.39
C HIS B 43 -3.79 5.75 10.58
N CYS B 44 -4.05 4.82 9.66
CA CYS B 44 -5.32 4.89 8.95
C CYS B 44 -6.48 4.64 9.92
N LEU B 45 -6.21 3.89 10.98
CA LEU B 45 -7.27 3.56 11.93
C LEU B 45 -7.14 4.40 13.19
N LEU B 46 -5.90 4.57 13.67
CA LEU B 46 -5.73 5.26 14.95
C LEU B 46 -4.76 6.41 14.87
N TYR B 47 -5.26 7.63 15.07
CA TYR B 47 -4.37 8.79 15.10
C TYR B 47 -4.94 9.92 15.96
N PRO B 48 -4.74 9.76 17.27
CA PRO B 48 -5.31 10.64 18.28
C PRO B 48 -5.10 12.14 18.04
N PRO B 49 -3.94 12.61 17.62
CA PRO B 49 -3.82 14.03 17.24
C PRO B 49 -4.90 14.48 16.27
N TRP B 50 -5.41 13.58 15.44
CA TRP B 50 -6.45 14.03 14.50
C TRP B 50 -7.84 13.54 14.90
N ASP B 51 -7.93 12.97 16.11
CA ASP B 51 -9.20 12.45 16.59
C ASP B 51 -9.68 11.30 15.72
N LYS B 52 -8.72 10.50 15.25
CA LYS B 52 -9.07 9.29 14.52
C LYS B 52 -8.80 8.05 15.37
N ASN B 53 -9.83 7.26 15.60
CA ASN B 53 -9.87 5.95 16.23
C ASN B 53 -11.08 5.18 15.69
N PHE B 54 -10.95 4.62 14.50
CA PHE B 54 -11.97 3.81 13.86
C PHE B 54 -12.11 2.42 14.49
N THR B 55 -13.32 1.88 14.43
CA THR B 55 -13.59 0.49 14.80
C THR B 55 -14.17 -0.22 13.57
N GLU B 56 -14.09 -1.54 13.58
CA GLU B 56 -14.58 -2.42 12.53
C GLU B 56 -15.86 -1.92 11.90
N ASN B 57 -16.86 -1.73 12.75
CA ASN B 57 -18.20 -1.33 12.34
C ASN B 57 -18.16 -0.03 11.56
N ASP B 58 -17.13 0.80 11.78
CA ASP B 58 -17.03 2.05 11.05
C ASP B 58 -16.64 1.83 9.59
N LEU B 59 -15.95 0.71 9.32
CA LEU B 59 -15.34 0.55 8.02
C LEU B 59 -15.89 -0.62 7.21
N LEU B 60 -15.63 -0.47 5.91
CA LEU B 60 -15.76 -1.43 4.85
C LEU B 60 -14.44 -1.53 4.06
N VAL B 61 -14.23 -2.73 3.55
CA VAL B 61 -13.07 -3.04 2.71
C VAL B 61 -13.52 -3.34 1.28
N ARG B 62 -13.02 -2.57 0.31
CA ARG B 62 -13.37 -2.69 -1.10
C ARG B 62 -12.20 -3.14 -1.98
N ILE B 63 -12.23 -4.37 -2.45
CA ILE B 63 -11.21 -5.09 -3.19
C ILE B 63 -11.56 -5.27 -4.66
N GLY B 64 -10.56 -5.12 -5.53
CA GLY B 64 -10.70 -5.37 -6.95
C GLY B 64 -11.04 -4.12 -7.74
N LYS B 65 -10.76 -2.98 -7.11
CA LYS B 65 -11.22 -1.70 -7.66
C LYS B 65 -10.18 -1.14 -8.64
N HIS B 66 -10.69 -0.31 -9.52
CA HIS B 66 -9.97 0.49 -10.48
C HIS B 66 -10.38 1.96 -10.36
N SER B 67 -11.68 2.18 -10.56
CA SER B 67 -12.31 3.50 -10.48
C SER B 67 -12.36 4.00 -9.05
N ARG B 68 -12.04 5.27 -8.81
CA ARG B 68 -12.08 5.72 -7.41
C ARG B 68 -13.50 5.76 -6.87
N THR B 69 -14.36 6.57 -7.48
CA THR B 69 -15.68 6.85 -6.92
C THR B 69 -16.78 5.88 -7.34
N ARG B 70 -16.62 5.23 -8.49
CA ARG B 70 -17.64 4.36 -9.03
C ARG B 70 -17.78 3.04 -8.31
N TYR B 71 -19.01 2.52 -8.21
CA TYR B 71 -19.24 1.18 -7.70
C TYR B 71 -19.16 0.13 -8.80
N GLU B 72 -18.04 -0.59 -8.89
CA GLU B 72 -17.79 -1.42 -10.06
C GLU B 72 -18.38 -2.81 -9.95
N ARG B 73 -19.68 -2.84 -10.24
CA ARG B 73 -20.63 -3.94 -10.26
C ARG B 73 -20.10 -5.17 -10.99
N ASN B 74 -20.16 -6.33 -10.37
CA ASN B 74 -19.66 -7.59 -10.90
C ASN B 74 -18.14 -7.68 -10.83
N ILE B 75 -17.48 -6.56 -10.56
CA ILE B 75 -16.02 -6.53 -10.54
C ILE B 75 -15.53 -6.40 -9.10
N GLU B 76 -15.84 -5.29 -8.44
CA GLU B 76 -15.34 -5.14 -7.07
C GLU B 76 -16.14 -6.00 -6.10
N LYS B 77 -15.51 -6.25 -4.97
CA LYS B 77 -16.06 -6.96 -3.82
C LYS B 77 -15.80 -6.17 -2.54
N ILE B 78 -16.84 -5.92 -1.76
CA ILE B 78 -16.77 -5.17 -0.52
C ILE B 78 -16.90 -6.08 0.70
N SER B 79 -15.95 -6.05 1.62
CA SER B 79 -15.89 -6.91 2.78
C SER B 79 -16.12 -6.14 4.07
N MET B 80 -16.68 -6.88 5.04
CA MET B 80 -16.94 -6.30 6.35
C MET B 80 -15.80 -6.68 7.30
N LEU B 81 -15.51 -5.80 8.26
CA LEU B 81 -14.38 -6.11 9.13
C LEU B 81 -14.78 -6.99 10.29
N GLU B 82 -13.96 -8.01 10.56
CA GLU B 82 -14.18 -8.88 11.71
C GLU B 82 -13.44 -8.35 12.93
N LYS B 83 -12.16 -8.04 12.69
CA LYS B 83 -11.29 -7.57 13.74
C LYS B 83 -10.18 -6.70 13.18
N ILE B 84 -9.83 -5.69 13.97
CA ILE B 84 -8.67 -4.84 13.70
C ILE B 84 -7.58 -5.16 14.71
N TYR B 85 -6.35 -5.20 14.23
CA TYR B 85 -5.14 -5.45 14.99
C TYR B 85 -4.08 -4.39 14.73
N ILE B 86 -3.78 -3.61 15.76
CA ILE B 86 -2.76 -2.56 15.64
C ILE B 86 -1.49 -2.95 16.36
N HIS B 87 -0.32 -2.70 15.76
CA HIS B 87 0.93 -3.03 16.43
C HIS B 87 0.98 -2.39 17.82
N PRO B 88 1.17 -3.19 18.85
CA PRO B 88 1.17 -2.72 20.24
C PRO B 88 2.21 -1.64 20.53
N ARG B 89 3.22 -1.49 19.69
CA ARG B 89 4.21 -0.45 19.91
C ARG B 89 4.22 0.57 18.79
N TYR B 90 3.11 0.71 18.09
CA TYR B 90 2.92 1.80 17.14
C TYR B 90 3.09 3.14 17.84
N ASN B 91 4.02 3.95 17.36
CA ASN B 91 4.40 5.24 17.93
C ASN B 91 3.73 6.41 17.25
N TRP B 92 2.44 6.62 17.48
CA TRP B 92 1.77 7.80 16.93
C TRP B 92 2.28 9.06 17.62
N ARG B 93 2.80 8.93 18.83
CA ARG B 93 3.22 10.11 19.59
C ARG B 93 4.46 10.79 19.02
N GLU B 94 5.46 10.03 18.60
CA GLU B 94 6.65 10.71 18.10
C GLU B 94 6.73 10.69 16.58
N ASN B 95 7.07 9.54 15.99
CA ASN B 95 7.44 9.54 14.58
C ASN B 95 6.66 8.56 13.71
N LEU B 96 5.68 7.85 14.26
CA LEU B 96 4.87 6.89 13.53
C LEU B 96 5.67 5.63 13.29
N ASP B 97 6.65 5.42 14.17
CA ASP B 97 7.37 4.16 14.17
C ASP B 97 6.42 2.96 14.20
N ARG B 98 6.69 1.93 13.42
CA ARG B 98 5.85 0.73 13.40
C ARG B 98 4.46 1.02 12.86
N ASP B 99 4.36 1.85 11.82
CA ASP B 99 3.03 2.21 11.32
C ASP B 99 2.39 1.08 10.52
N ILE B 100 1.79 0.13 11.23
CA ILE B 100 1.22 -1.05 10.59
C ILE B 100 0.04 -1.62 11.35
N ALA B 101 -0.98 -2.13 10.65
CA ALA B 101 -2.10 -2.84 11.22
C ALA B 101 -2.64 -3.94 10.31
N LEU B 102 -3.21 -4.95 10.94
CA LEU B 102 -3.93 -6.01 10.26
C LEU B 102 -5.44 -5.90 10.43
N MET B 103 -6.14 -6.32 9.39
CA MET B 103 -7.60 -6.33 9.36
C MET B 103 -8.13 -7.68 8.89
N LYS B 104 -8.61 -8.49 9.84
CA LYS B 104 -9.18 -9.79 9.51
C LYS B 104 -10.56 -9.60 8.92
N LEU B 105 -10.87 -10.21 7.79
CA LEU B 105 -12.17 -10.04 7.17
C LEU B 105 -13.20 -11.01 7.75
N LYS B 106 -14.46 -10.61 7.67
CA LYS B 106 -15.61 -11.37 8.15
C LYS B 106 -15.85 -12.64 7.34
N LYS B 107 -15.72 -12.55 6.02
CA LYS B 107 -15.81 -13.73 5.15
C LYS B 107 -14.69 -13.71 4.12
N PRO B 108 -14.26 -14.88 3.69
CA PRO B 108 -13.18 -14.98 2.69
C PRO B 108 -13.57 -14.26 1.41
N VAL B 109 -12.63 -13.53 0.81
CA VAL B 109 -12.89 -12.90 -0.48
C VAL B 109 -12.51 -13.90 -1.58
N ALA B 110 -13.26 -13.90 -2.69
CA ALA B 110 -12.96 -14.85 -3.76
C ALA B 110 -12.02 -14.25 -4.79
N PHE B 111 -10.93 -14.96 -5.08
CA PHE B 111 -10.00 -14.38 -6.05
C PHE B 111 -10.66 -14.34 -7.44
N SER B 112 -10.06 -13.54 -8.31
CA SER B 112 -10.50 -13.32 -9.67
C SER B 112 -9.39 -12.65 -10.47
N ASP B 113 -9.65 -12.31 -11.72
CA ASP B 113 -8.65 -11.57 -12.48
C ASP B 113 -8.25 -10.26 -11.80
N TYR B 114 -9.16 -9.72 -10.99
CA TYR B 114 -9.10 -8.39 -10.44
C TYR B 114 -8.73 -8.39 -8.96
N ILE B 115 -8.78 -9.59 -8.38
CA ILE B 115 -8.49 -9.81 -6.97
C ILE B 115 -7.55 -10.98 -6.73
N HIS B 116 -6.44 -10.67 -6.07
CA HIS B 116 -5.35 -11.62 -5.87
C HIS B 116 -4.37 -11.07 -4.84
N PRO B 117 -3.83 -11.89 -3.94
CA PRO B 117 -2.97 -11.39 -2.86
C PRO B 117 -1.52 -11.22 -3.28
N VAL B 118 -0.84 -10.26 -2.66
CA VAL B 118 0.57 -10.06 -2.92
C VAL B 118 1.40 -10.89 -1.94
N CYS B 119 2.67 -11.23 -2.23
CA CYS B 119 3.45 -11.91 -1.20
C CYS B 119 4.02 -10.99 -0.13
N LEU B 120 4.38 -11.59 1.01
CA LEU B 120 5.12 -10.86 2.03
C LEU B 120 6.56 -11.38 2.00
N PRO B 121 7.53 -10.48 2.08
CA PRO B 121 8.93 -10.88 1.94
C PRO B 121 9.43 -11.78 3.06
N ASP B 122 10.34 -12.67 2.68
CA ASP B 122 11.18 -13.44 3.59
C ASP B 122 12.49 -12.66 3.76
N ARG B 123 13.32 -13.03 4.74
CA ARG B 123 14.56 -12.29 4.99
C ARG B 123 15.45 -12.19 3.76
N GLU B 124 15.46 -13.22 2.92
CA GLU B 124 16.42 -13.24 1.81
C GLU B 124 15.96 -12.35 0.66
N THR B 125 14.65 -12.21 0.48
CA THR B 125 14.12 -11.29 -0.53
C THR B 125 14.33 -9.84 -0.08
N ALA B 126 14.01 -9.56 1.18
CA ALA B 126 14.29 -8.25 1.75
C ALA B 126 15.74 -7.86 1.59
N ALA B 127 16.63 -8.77 2.00
CA ALA B 127 18.05 -8.45 1.88
C ALA B 127 18.41 -8.21 0.43
N SER B 128 17.84 -9.00 -0.49
CA SER B 128 18.29 -8.81 -1.86
C SER B 128 17.72 -7.58 -2.55
N LEU B 129 16.53 -7.13 -2.16
CA LEU B 129 15.82 -6.09 -2.88
C LEU B 129 15.78 -4.75 -2.17
N LEU B 130 15.89 -4.70 -0.84
CA LEU B 130 15.86 -3.40 -0.17
C LEU B 130 17.20 -2.69 -0.29
N GLN B 131 17.44 -2.13 -1.46
CA GLN B 131 18.73 -1.52 -1.76
C GLN B 131 18.55 -0.18 -2.48
N ALA B 132 19.27 0.84 -2.04
CA ALA B 132 19.16 2.18 -2.58
C ALA B 132 19.24 2.15 -4.10
N GLY B 133 18.34 2.80 -4.81
CA GLY B 133 18.43 2.72 -6.27
C GLY B 133 17.51 1.66 -6.84
N TYR B 134 17.27 0.56 -6.14
CA TYR B 134 16.26 -0.38 -6.60
C TYR B 134 14.89 0.29 -6.55
N LYS B 135 14.09 0.11 -7.61
CA LYS B 135 12.83 0.84 -7.59
C LYS B 135 11.68 -0.03 -7.11
N GLY B 136 10.72 0.63 -6.47
CA GLY B 136 9.51 -0.07 -6.09
C GLY B 136 8.37 0.66 -6.79
N ARG B 137 7.16 0.19 -6.57
CA ARG B 137 5.93 0.71 -7.15
C ARG B 137 4.91 1.02 -6.07
N VAL B 138 4.43 2.27 -6.04
CA VAL B 138 3.35 2.44 -5.03
C VAL B 138 2.10 2.90 -5.75
N THR B 139 0.95 2.45 -5.23
CA THR B 139 -0.33 2.72 -5.86
C THR B 139 -1.36 3.31 -4.92
N GLY B 140 -2.37 4.01 -5.46
CA GLY B 140 -3.47 4.44 -4.61
C GLY B 140 -4.32 5.50 -5.29
N TRP B 141 -5.40 5.86 -4.61
CA TRP B 141 -6.41 6.77 -5.16
C TRP B 141 -6.34 8.15 -4.51
N GLY B 142 -5.18 8.47 -3.95
CA GLY B 142 -5.06 9.72 -3.22
C GLY B 142 -4.85 10.93 -4.10
N ASN B 143 -4.56 12.06 -3.46
CA ASN B 143 -4.51 13.32 -4.19
C ASN B 143 -3.45 13.27 -5.29
N LEU B 144 -3.68 14.11 -6.28
CA LEU B 144 -2.75 14.18 -7.41
C LEU B 144 -1.72 15.22 -7.11
N LYS B 145 -1.97 15.98 -6.04
CA LYS B 145 -0.94 16.99 -5.74
C LYS B 145 -1.09 17.43 -4.29
N GLU B 146 -0.06 18.13 -3.79
CA GLU B 146 -0.10 18.53 -2.40
C GLU B 146 -1.31 19.41 -2.09
N THR B 147 -1.69 20.28 -3.01
CA THR B 147 -2.86 21.12 -2.77
C THR B 147 -3.84 21.08 -3.92
N GLY B 155 -7.36 17.19 -8.51
CA GLY B 155 -6.99 16.81 -7.18
C GLY B 155 -7.16 15.32 -6.88
N GLN B 156 -8.38 14.79 -7.05
CA GLN B 156 -8.65 13.37 -6.84
C GLN B 156 -8.75 12.65 -8.19
N PRO B 157 -7.98 11.59 -8.34
CA PRO B 157 -7.82 10.93 -9.65
C PRO B 157 -9.06 10.14 -10.04
N SER B 158 -9.27 9.94 -11.35
CA SER B 158 -10.48 9.17 -11.66
C SER B 158 -10.20 7.69 -11.51
N VAL B 159 -8.93 7.28 -11.64
CA VAL B 159 -8.68 5.85 -11.50
C VAL B 159 -7.42 5.63 -10.67
N LEU B 160 -7.22 4.38 -10.25
CA LEU B 160 -6.02 3.97 -9.55
C LEU B 160 -4.75 4.52 -10.21
N GLN B 161 -3.95 5.23 -9.44
CA GLN B 161 -2.71 5.80 -9.94
C GLN B 161 -1.50 4.95 -9.58
N VAL B 162 -0.49 4.97 -10.44
CA VAL B 162 0.71 4.18 -10.22
CA VAL B 162 0.71 4.17 -10.28
C VAL B 162 1.97 5.00 -10.46
N VAL B 163 2.99 4.73 -9.65
CA VAL B 163 4.30 5.39 -9.78
C VAL B 163 5.41 4.45 -9.28
N ASN B 164 6.51 4.41 -10.02
CA ASN B 164 7.71 3.68 -9.70
C ASN B 164 8.75 4.58 -9.06
N LEU B 165 9.31 4.19 -7.93
CA LEU B 165 10.21 5.11 -7.22
C LEU B 165 11.42 4.37 -6.69
N PRO B 166 12.59 5.02 -6.76
CA PRO B 166 13.79 4.36 -6.26
C PRO B 166 13.94 4.46 -4.74
N ILE B 167 14.30 3.37 -4.09
CA ILE B 167 14.65 3.32 -2.69
C ILE B 167 15.84 4.25 -2.45
N VAL B 168 15.80 5.00 -1.35
CA VAL B 168 16.81 6.03 -1.10
C VAL B 168 17.72 5.65 0.06
N GLU B 169 19.00 6.00 -0.08
CA GLU B 169 20.05 5.80 0.89
C GLU B 169 19.68 6.43 2.25
N ARG B 170 19.77 5.64 3.30
CA ARG B 170 19.44 5.93 4.68
C ARG B 170 20.00 7.27 5.15
N PRO B 171 21.29 7.55 4.96
CA PRO B 171 21.79 8.88 5.33
C PRO B 171 21.02 9.99 4.62
N VAL B 172 20.71 9.78 3.33
CA VAL B 172 19.95 10.81 2.64
C VAL B 172 18.57 10.96 3.26
N CYS B 173 17.93 9.82 3.55
CA CYS B 173 16.63 9.88 4.22
C CYS B 173 16.69 10.75 5.47
N LYS B 174 17.65 10.43 6.33
CA LYS B 174 17.81 11.11 7.62
C LYS B 174 18.16 12.58 7.45
N ASP B 175 19.07 12.91 6.52
CA ASP B 175 19.45 14.29 6.32
C ASP B 175 18.36 15.12 5.66
N SER B 176 17.27 14.50 5.22
CA SER B 176 16.22 15.25 4.55
C SER B 176 15.17 15.78 5.50
N THR B 177 15.24 15.31 6.75
CA THR B 177 14.16 15.63 7.69
C THR B 177 14.70 15.85 9.08
N ARG B 178 13.91 16.53 9.90
CA ARG B 178 14.22 16.70 11.31
C ARG B 178 13.64 15.56 12.15
N ILE B 179 12.70 14.79 11.60
CA ILE B 179 12.05 13.70 12.34
C ILE B 179 13.01 12.54 12.57
N ARG B 180 12.89 11.92 13.73
CA ARG B 180 13.70 10.78 14.11
C ARG B 180 13.21 9.49 13.44
N ILE B 181 14.05 9.01 12.54
CA ILE B 181 13.80 7.90 11.64
C ILE B 181 14.28 6.57 12.18
N THR B 182 13.61 5.45 11.87
CA THR B 182 14.05 4.20 12.50
C THR B 182 14.29 3.08 11.50
N ASP B 183 14.75 1.94 12.02
CA ASP B 183 15.00 0.76 11.20
C ASP B 183 13.70 0.18 10.67
N ASN B 184 12.58 0.56 11.27
CA ASN B 184 11.28 0.10 10.78
C ASN B 184 10.76 0.95 9.64
N MET B 185 11.61 1.82 9.09
CA MET B 185 11.24 2.71 8.01
C MET B 185 12.28 2.72 6.90
N PHE B 186 11.83 3.01 5.69
CA PHE B 186 12.77 3.32 4.61
C PHE B 186 12.12 4.48 3.85
N CYS B 187 12.91 5.22 3.08
CA CYS B 187 12.32 6.32 2.31
C CYS B 187 12.57 6.06 0.83
N ALA B 188 11.74 6.66 -0.01
CA ALA B 188 11.80 6.49 -1.45
C ALA B 188 11.38 7.75 -2.21
N GLY B 189 11.94 7.92 -3.40
CA GLY B 189 11.67 9.13 -4.18
C GLY B 189 12.91 9.53 -4.94
N TYR B 190 12.77 10.36 -5.98
CA TYR B 190 13.97 10.81 -6.67
C TYR B 190 14.57 12.04 -5.98
N LYS B 191 15.87 12.18 -6.13
CA LYS B 191 16.60 13.38 -5.71
C LYS B 191 16.24 14.53 -6.65
N PRO B 192 16.41 15.77 -6.20
CA PRO B 192 16.21 16.92 -7.09
C PRO B 192 17.03 16.82 -8.37
N ASP B 193 18.18 16.17 -8.24
CA ASP B 193 19.17 15.82 -9.24
C ASP B 193 18.62 14.97 -10.39
N GLU B 194 17.86 13.95 -10.05
CA GLU B 194 17.48 12.88 -10.96
C GLU B 194 16.38 13.29 -11.91
N GLY B 195 15.86 14.51 -11.77
CA GLY B 195 14.91 15.01 -12.75
C GLY B 195 13.53 14.43 -12.66
N LYS B 196 13.36 13.13 -12.92
CA LYS B 196 12.03 12.53 -12.80
C LYS B 196 11.48 12.79 -11.41
N ARG B 197 10.16 12.68 -11.21
CA ARG B 197 9.63 12.88 -9.86
C ARG B 197 8.47 11.96 -9.55
N GLY B 198 7.80 12.21 -8.42
CA GLY B 198 6.62 11.44 -8.05
C GLY B 198 6.65 11.04 -6.59
N ASP B 199 5.48 10.84 -5.97
CA ASP B 199 5.43 10.52 -4.54
C ASP B 199 4.03 10.04 -4.17
N ALA B 200 3.91 9.46 -2.98
CA ALA B 200 2.59 9.20 -2.42
C ALA B 200 2.04 10.53 -1.92
N CYS B 201 0.76 10.60 -1.63
CA CYS B 201 0.12 11.79 -1.07
C CYS B 201 -1.03 11.38 -0.17
N GLU B 202 -1.64 12.39 0.46
CA GLU B 202 -2.82 12.18 1.29
C GLU B 202 -3.84 11.30 0.56
N GLY B 203 -4.33 10.31 1.30
CA GLY B 203 -5.27 9.32 0.84
C GLY B 203 -4.59 8.05 0.36
N ASP B 204 -3.27 8.12 0.14
CA ASP B 204 -2.54 6.93 -0.33
C ASP B 204 -2.14 6.04 0.84
N SER B 205 -2.08 6.64 2.02
CA SER B 205 -1.84 6.03 3.31
C SER B 205 -2.32 4.59 3.39
N GLY B 206 -1.45 3.73 3.90
CA GLY B 206 -1.72 2.32 4.14
C GLY B 206 -1.61 1.45 2.91
N GLY B 207 -1.33 2.08 1.76
CA GLY B 207 -1.19 1.40 0.51
C GLY B 207 0.19 0.78 0.32
N PRO B 208 0.26 -0.11 -0.66
CA PRO B 208 1.41 -0.99 -0.84
C PRO B 208 2.54 -0.34 -1.65
N PHE B 209 3.76 -0.52 -1.16
CA PHE B 209 5.00 -0.33 -1.91
C PHE B 209 5.45 -1.74 -2.33
N VAL B 210 5.35 -2.08 -3.61
CA VAL B 210 5.71 -3.46 -3.98
C VAL B 210 6.94 -3.46 -4.88
N MET B 211 7.67 -4.58 -4.89
CA MET B 211 8.73 -4.87 -5.83
C MET B 211 8.53 -6.21 -6.51
N LYS B 212 9.06 -6.36 -7.72
CA LYS B 212 8.92 -7.67 -8.38
C LYS B 212 10.26 -8.38 -8.34
N SER B 213 10.28 -9.47 -7.56
CA SER B 213 11.54 -10.20 -7.44
C SER B 213 11.99 -10.75 -8.79
N PRO B 214 13.23 -10.45 -9.15
CA PRO B 214 13.83 -10.99 -10.38
C PRO B 214 14.20 -12.47 -10.23
N PHE B 215 14.01 -12.99 -9.02
CA PHE B 215 14.41 -14.34 -8.68
C PHE B 215 13.28 -15.34 -8.93
N ASN B 216 12.06 -14.97 -8.59
CA ASN B 216 10.95 -15.92 -8.82
C ASN B 216 9.77 -15.25 -9.52
N ASN B 217 9.98 -14.01 -9.94
CA ASN B 217 9.08 -13.21 -10.75
C ASN B 217 7.75 -12.92 -10.05
N ARG B 218 7.78 -12.89 -8.73
CA ARG B 218 6.59 -12.67 -7.92
C ARG B 218 6.61 -11.28 -7.31
N TRP B 219 5.44 -10.68 -7.12
CA TRP B 219 5.44 -9.35 -6.49
C TRP B 219 5.34 -9.46 -4.97
N TYR B 220 6.24 -8.74 -4.31
CA TYR B 220 6.37 -8.61 -2.88
C TYR B 220 6.04 -7.21 -2.38
N GLN B 221 5.28 -7.16 -1.28
CA GLN B 221 5.02 -5.87 -0.66
C GLN B 221 6.12 -5.60 0.38
N MET B 222 7.02 -4.69 0.07
CA MET B 222 8.14 -4.33 0.92
C MET B 222 7.80 -3.22 1.89
N GLY B 223 6.81 -2.40 1.53
CA GLY B 223 6.58 -1.18 2.30
C GLY B 223 5.10 -0.81 2.36
N ILE B 224 4.74 -0.03 3.37
CA ILE B 224 3.39 0.50 3.51
C ILE B 224 3.52 2.03 3.49
N VAL B 225 2.66 2.69 2.73
CA VAL B 225 2.73 4.15 2.65
C VAL B 225 2.50 4.75 4.03
N SER B 226 3.44 5.52 4.56
CA SER B 226 3.29 5.96 5.95
C SER B 226 3.24 7.47 6.09
N TRP B 227 4.33 8.15 5.76
CA TRP B 227 4.34 9.60 5.93
C TRP B 227 5.37 10.26 5.01
N GLY B 228 5.15 11.56 4.88
CA GLY B 228 5.94 12.51 4.17
C GLY B 228 5.59 13.92 4.68
N GLU B 229 6.50 14.84 4.48
CA GLU B 229 6.43 16.26 4.72
C GLU B 229 6.13 16.95 3.39
N GLY B 230 4.85 17.20 3.16
CA GLY B 230 4.35 17.67 1.88
C GLY B 230 4.07 16.51 0.94
N CYS B 231 4.01 16.74 -0.36
CA CYS B 231 3.91 15.64 -1.32
C CYS B 231 4.74 16.04 -2.56
N ASP B 232 5.63 15.17 -3.01
CA ASP B 232 6.49 15.44 -4.15
C ASP B 232 7.28 16.73 -3.92
N ARG B 233 7.67 16.96 -2.67
CA ARG B 233 8.52 18.10 -2.34
C ARG B 233 9.97 17.86 -2.71
N ASP B 234 10.56 18.84 -3.40
CA ASP B 234 11.96 18.74 -3.80
C ASP B 234 12.83 18.56 -2.56
N GLY B 235 13.73 17.60 -2.63
CA GLY B 235 14.62 17.26 -1.54
C GLY B 235 13.92 16.55 -0.39
N LYS B 236 12.69 16.08 -0.60
CA LYS B 236 12.02 15.36 0.50
C LYS B 236 11.59 13.99 -0.01
N TYR B 237 11.40 13.04 0.91
CA TYR B 237 11.07 11.69 0.46
C TYR B 237 9.83 11.10 1.13
N GLY B 238 9.20 10.14 0.45
CA GLY B 238 8.13 9.35 1.04
C GLY B 238 8.70 8.38 2.06
N PHE B 239 8.04 8.17 3.18
CA PHE B 239 8.56 7.19 4.15
C PHE B 239 7.56 6.04 4.26
N TYR B 240 8.11 4.84 4.34
CA TYR B 240 7.36 3.60 4.25
C TYR B 240 7.63 2.70 5.44
N THR B 241 6.57 2.09 5.98
CA THR B 241 6.79 1.07 7.01
C THR B 241 7.59 -0.10 6.44
N HIS B 242 8.65 -0.49 7.12
CA HIS B 242 9.43 -1.65 6.69
C HIS B 242 8.71 -2.95 7.04
N VAL B 243 8.07 -3.59 6.06
CA VAL B 243 7.22 -4.73 6.37
C VAL B 243 8.03 -5.95 6.80
N PHE B 244 9.12 -6.28 6.14
CA PHE B 244 9.89 -7.43 6.63
C PHE B 244 10.34 -7.23 8.08
N ARG B 245 10.59 -6.00 8.50
CA ARG B 245 11.08 -5.76 9.87
C ARG B 245 10.00 -6.05 10.90
N LEU B 246 8.76 -6.17 10.44
CA LEU B 246 7.65 -6.36 11.36
C LEU B 246 6.88 -7.63 10.98
N LYS B 247 7.56 -8.51 10.27
CA LYS B 247 6.92 -9.73 9.77
C LYS B 247 6.66 -10.69 10.94
N LYS B 248 7.57 -10.62 11.90
CA LYS B 248 7.37 -11.38 13.13
C LYS B 248 5.98 -11.07 13.69
N TRP B 249 5.74 -9.77 13.93
CA TRP B 249 4.46 -9.36 14.45
C TRP B 249 3.30 -9.84 13.59
N ILE B 250 3.54 -9.81 12.27
CA ILE B 250 2.46 -10.17 11.37
C ILE B 250 2.11 -11.65 11.50
N GLN B 251 3.10 -12.54 11.52
CA GLN B 251 2.71 -13.96 11.57
C GLN B 251 2.28 -14.33 12.98
N LYS B 252 2.78 -13.64 13.99
CA LYS B 252 2.22 -13.77 15.34
C LYS B 252 0.71 -13.57 15.24
N VAL B 253 0.34 -12.38 14.76
CA VAL B 253 -1.09 -12.06 14.72
C VAL B 253 -1.89 -13.10 13.93
N ILE B 254 -1.30 -13.57 12.85
CA ILE B 254 -2.02 -14.50 11.96
C ILE B 254 -1.98 -15.91 12.51
N ASP B 255 -0.88 -16.24 13.17
CA ASP B 255 -0.71 -17.56 13.77
C ASP B 255 -1.60 -17.74 15.00
N GLN B 256 -2.10 -16.66 15.59
CA GLN B 256 -2.87 -16.84 16.82
C GLN B 256 -4.34 -16.48 16.65
N PHE B 257 -4.71 -15.76 15.59
CA PHE B 257 -6.15 -15.45 15.53
C PHE B 257 -6.82 -16.04 14.29
N GLY B 258 -6.41 -17.24 13.88
CA GLY B 258 -7.09 -17.96 12.83
C GLY B 258 -6.47 -17.78 11.46
N ASP C 2 -19.53 12.56 -3.44
CA ASP C 2 -18.82 12.30 -4.69
C ASP C 2 -18.70 10.81 -4.96
N PHE C 3 -19.08 9.97 -4.01
CA PHE C 3 -18.90 8.53 -4.23
C PHE C 3 -20.19 7.89 -4.71
N GLU C 4 -20.10 6.98 -5.69
CA GLU C 4 -21.34 6.32 -6.10
C GLU C 4 -21.85 5.46 -4.94
N GLU C 5 -23.15 5.36 -4.75
CA GLU C 5 -23.76 4.70 -3.61
C GLU C 5 -23.51 3.20 -3.61
N ILE C 6 -22.90 2.68 -2.54
CA ILE C 6 -22.72 1.22 -2.52
C ILE C 6 -24.04 0.57 -2.17
N PRO C 7 -24.25 -0.70 -2.49
CA PRO C 7 -25.55 -1.30 -2.16
C PRO C 7 -25.80 -1.24 -0.65
N GLU C 8 -27.04 -0.95 -0.27
CA GLU C 8 -27.48 -0.85 1.11
C GLU C 8 -26.97 -2.01 1.94
N GLU C 9 -26.86 -3.20 1.35
CA GLU C 9 -26.20 -4.30 2.06
C GLU C 9 -24.75 -3.93 2.38
N TYS C 10 -23.95 -4.90 2.79
CA TYS C 10 -22.57 -4.50 3.23
CB TYS C 10 -21.76 -3.88 2.08
CG TYS C 10 -21.84 -4.64 0.79
CD1 TYS C 10 -21.69 -6.05 0.77
CD2 TYS C 10 -21.89 -3.93 -0.42
CE1 TYS C 10 -21.64 -6.74 -0.44
CE2 TYS C 10 -21.86 -4.62 -1.65
CZ TYS C 10 -21.77 -6.04 -1.68
OH TYS C 10 -21.76 -6.73 -2.84
S TYS C 10 -20.43 -6.91 -3.59
O1 TYS C 10 -19.40 -7.63 -2.72
O2 TYS C 10 -20.75 -7.83 -4.62
O3 TYS C 10 -19.99 -5.59 -3.94
C TYS C 10 -22.60 -3.45 4.36
O TYS C 10 -22.07 -2.40 4.10
N LEU C 11 -23.55 -3.61 5.26
CA LEU C 11 -23.78 -2.73 6.40
C LEU C 11 -25.11 -3.06 7.08
NA NA D . 10.75 14.77 -3.09
NA NA E . 18.00 14.80 10.04
N 19U F . 3.10 15.15 7.50
C15 19U F . 2.84 14.11 8.53
C14 19U F . 2.26 12.85 7.89
O32 19U F . 2.78 12.52 6.83
C1 19U F . 4.20 13.73 9.18
C17 19U F . 3.95 12.94 10.47
N1 19U F . 1.24 12.14 8.44
C12 19U F . 0.76 10.90 7.85
C7 19U F . 0.48 11.00 6.38
O22 19U F . 0.02 12.05 5.93
C2 19U F . -0.54 10.73 8.68
C3 19U F . -0.04 11.14 10.10
C4 19U F . 0.76 12.44 9.80
N23 19U F . 0.78 9.97 5.55
C24 19U F . 0.42 10.12 4.14
C25 19U F . 1.63 10.31 3.24
C26 19U F . 1.81 11.56 2.61
C27 19U F . 2.89 11.79 1.77
C28 19U F . 3.84 10.78 1.54
C29 19U F . 3.68 9.52 2.17
C30 19U F . 2.58 9.30 3.00
CL21 19U F . 4.87 8.27 1.87
#